data_8PQ2
#
_entry.id   8PQ2
#
_cell.length_a   1.00
_cell.length_b   1.00
_cell.length_c   1.00
_cell.angle_alpha   90.00
_cell.angle_beta   90.00
_cell.angle_gamma   90.00
#
_symmetry.space_group_name_H-M   'P 1'
#
loop_
_entity.id
_entity.type
_entity.pdbx_description
1 polymer 'P4J15 Fragment Antigen-Binding Heavy Chain'
2 polymer 'P4J15 Fragment Antigen-Binding Light Chain'
3 polymer "Spike protein S2'"
4 non-polymer 2-acetamido-2-deoxy-beta-D-glucopyranose
#
loop_
_entity_poly.entity_id
_entity_poly.type
_entity_poly.pdbx_seq_one_letter_code
_entity_poly.pdbx_strand_id
1 'polypeptide(L)'
;QVQIQQWGAGLLKPSETLSLTCAVYDESFSDYFWTWIRQSPGMGLEWIGEVTHTGSANYNPSLMSRVTMSRDTSKNQISL
KLTSVTAADTAVYYCARDSPLGSIIKRGDYWGQGTLVTVSS
;
H
2 'polypeptide(L)'
;DIQMTQSPSSLSASVGDRVTVTCQASQGITNYVNWYQQKPGKAPKLLIYHASHLETGVPSRFSGSGSGTDFTFTISSLQP
EDFATYYCQQFDHLPPTFGQGTRLEIK
;
L
3 'polypeptide(L)'
;TNLCPFHEVFNATTFASVYAWNRKRISNCVADYSVIYNFAPFFAFKCYGVSPTKLNDLCFTNVYADSFVIRGNEVSQIAP
GQTGNIADYNYKLPDDFTGCVIAWNSNKLDSKPSGNYNYLYRLFRKSKLKPFERDISTEIYQAGNKPCNGVAGSNCYSPL
QSYGFRPTYGVGHQPYRVVVLSFELLHAPATVCGP
;
C
#
# COMPACT_ATOMS: atom_id res chain seq x y z
N ILE A 4 14.65 -11.28 -3.75
CA ILE A 4 15.02 -10.10 -4.54
C ILE A 4 16.41 -10.32 -5.12
N GLN A 5 16.65 -9.77 -6.30
CA GLN A 5 17.92 -9.92 -7.00
C GLN A 5 18.53 -8.56 -7.27
N GLN A 6 19.86 -8.54 -7.45
CA GLN A 6 20.56 -7.30 -7.74
C GLN A 6 21.77 -7.62 -8.60
N TRP A 7 22.27 -6.61 -9.29
CA TRP A 7 23.56 -6.73 -9.97
C TRP A 7 24.02 -5.34 -10.41
N GLY A 8 25.19 -5.30 -11.02
CA GLY A 8 25.80 -4.05 -11.42
C GLY A 8 27.31 -4.22 -11.55
N ALA A 9 28.01 -3.08 -11.46
CA ALA A 9 29.46 -3.08 -11.58
C ALA A 9 30.10 -3.37 -10.24
N GLY A 10 31.10 -4.25 -10.23
CA GLY A 10 31.77 -4.63 -9.01
C GLY A 10 33.02 -3.81 -8.71
N LEU A 11 33.95 -3.75 -9.66
CA LEU A 11 35.19 -3.03 -9.50
C LEU A 11 35.18 -1.80 -10.41
N LEU A 12 35.55 -0.65 -9.85
CA LEU A 12 35.52 0.61 -10.56
C LEU A 12 36.85 1.32 -10.41
N LYS A 13 36.96 2.47 -11.07
CA LYS A 13 38.11 3.36 -11.01
C LYS A 13 37.64 4.75 -10.62
N PRO A 14 38.44 5.50 -9.88
CA PRO A 14 37.98 6.82 -9.42
C PRO A 14 37.58 7.73 -10.57
N SER A 15 36.65 8.63 -10.28
CA SER A 15 36.19 9.64 -11.24
C SER A 15 35.50 8.98 -12.44
N GLU A 16 34.40 8.29 -12.15
CA GLU A 16 33.55 7.73 -13.19
C GLU A 16 32.14 7.57 -12.61
N THR A 17 31.30 6.80 -13.29
CA THR A 17 29.91 6.62 -12.92
C THR A 17 29.63 5.16 -12.59
N LEU A 18 28.69 4.94 -11.67
CA LEU A 18 28.29 3.61 -11.23
C LEU A 18 26.80 3.42 -11.48
N SER A 19 26.42 2.20 -11.88
CA SER A 19 25.03 1.87 -12.13
C SER A 19 24.72 0.51 -11.53
N LEU A 20 23.67 0.44 -10.71
CA LEU A 20 23.22 -0.80 -10.10
C LEU A 20 21.73 -0.99 -10.39
N THR A 21 21.31 -2.25 -10.49
CA THR A 21 19.93 -2.59 -10.77
C THR A 21 19.42 -3.61 -9.77
N CYS A 22 18.25 -3.33 -9.21
CA CYS A 22 17.55 -4.20 -8.27
C CYS A 22 16.26 -4.69 -8.92
N ALA A 23 16.09 -6.00 -8.99
CA ALA A 23 14.96 -6.62 -9.67
C ALA A 23 14.17 -7.48 -8.70
N VAL A 24 12.85 -7.45 -8.84
CA VAL A 24 11.94 -8.20 -7.99
C VAL A 24 11.39 -9.37 -8.79
N TYR A 25 10.68 -10.26 -8.10
CA TYR A 25 10.13 -11.47 -8.71
C TYR A 25 8.66 -11.65 -8.36
N ASP A 26 7.93 -10.54 -8.19
CA ASP A 26 6.50 -10.60 -7.90
C ASP A 26 5.73 -9.72 -8.89
N GLU A 27 4.42 -9.61 -8.71
CA GLU A 27 3.58 -8.83 -9.60
C GLU A 27 2.90 -7.66 -8.89
N SER A 28 3.13 -7.48 -7.59
CA SER A 28 2.63 -6.32 -6.86
C SER A 28 3.68 -5.22 -6.74
N PHE A 29 4.55 -5.10 -7.75
CA PHE A 29 5.61 -4.11 -7.75
C PHE A 29 5.06 -2.77 -8.23
N SER A 30 3.96 -2.32 -7.65
CA SER A 30 3.38 -1.04 -8.01
C SER A 30 2.80 -0.28 -6.82
N ASP A 31 2.90 -0.81 -5.60
CA ASP A 31 2.28 -0.18 -4.44
C ASP A 31 3.20 -0.17 -3.22
N TYR A 32 4.51 -0.20 -3.42
CA TYR A 32 5.47 -0.22 -2.33
C TYR A 32 6.56 0.80 -2.57
N PHE A 33 7.07 1.38 -1.49
CA PHE A 33 8.22 2.25 -1.59
C PHE A 33 9.48 1.40 -1.68
N TRP A 34 10.43 1.85 -2.51
CA TRP A 34 11.68 1.10 -2.68
C TRP A 34 12.85 2.03 -2.43
N THR A 35 13.73 1.64 -1.51
CA THR A 35 14.82 2.49 -1.06
C THR A 35 16.15 1.78 -1.25
N TRP A 36 17.21 2.58 -1.34
CA TRP A 36 18.57 2.08 -1.46
C TRP A 36 19.36 2.46 -0.22
N ILE A 37 20.02 1.48 0.38
CA ILE A 37 20.78 1.67 1.62
C ILE A 37 22.24 1.41 1.33
N ARG A 38 23.11 2.29 1.83
CA ARG A 38 24.55 2.16 1.66
C ARG A 38 25.21 1.94 3.01
N GLN A 39 26.14 0.98 3.04
CA GLN A 39 26.86 0.64 4.26
C GLN A 39 28.35 0.68 3.98
N SER A 40 29.04 1.63 4.60
CA SER A 40 30.49 1.67 4.52
C SER A 40 31.06 0.45 5.27
N PRO A 41 32.25 -0.01 4.90
CA PRO A 41 32.75 -1.26 5.49
C PRO A 41 32.81 -1.22 7.00
N GLY A 42 31.97 -2.03 7.65
CA GLY A 42 32.00 -2.13 9.10
C GLY A 42 31.80 -0.82 9.82
N MET A 43 30.92 0.04 9.32
CA MET A 43 30.70 1.35 9.94
C MET A 43 29.24 1.74 9.71
N GLY A 44 28.37 1.38 10.66
CA GLY A 44 27.01 1.86 10.66
C GLY A 44 26.29 1.59 9.34
N LEU A 45 25.46 2.55 8.94
CA LEU A 45 24.70 2.46 7.70
C LEU A 45 24.47 3.86 7.17
N GLU A 46 23.93 3.93 5.95
CA GLU A 46 23.59 5.21 5.33
C GLU A 46 22.33 5.05 4.49
N TRP A 47 21.62 6.16 4.32
CA TRP A 47 20.38 6.20 3.55
C TRP A 47 20.64 7.01 2.28
N ILE A 48 20.43 6.39 1.12
CA ILE A 48 20.73 7.01 -0.15
C ILE A 48 19.51 7.73 -0.70
N GLY A 49 18.45 6.98 -0.98
CA GLY A 49 17.25 7.57 -1.56
C GLY A 49 16.14 6.56 -1.63
N GLU A 50 14.96 7.06 -2.03
CA GLU A 50 13.76 6.25 -2.11
C GLU A 50 12.96 6.64 -3.35
N VAL A 51 12.14 5.71 -3.80
CA VAL A 51 11.17 5.93 -4.87
C VAL A 51 9.80 5.50 -4.35
N THR A 52 8.82 6.39 -4.48
CA THR A 52 7.49 6.13 -3.97
C THR A 52 6.69 5.27 -4.96
N HIS A 53 5.40 5.13 -4.69
CA HIS A 53 4.56 4.27 -5.52
C HIS A 53 4.37 4.86 -6.92
N THR A 54 4.08 6.15 -7.01
CA THR A 54 3.72 6.78 -8.28
C THR A 54 4.94 7.29 -9.03
N GLY A 55 5.94 6.43 -9.21
CA GLY A 55 7.10 6.75 -10.01
C GLY A 55 7.71 8.10 -9.71
N SER A 56 8.26 8.26 -8.50
CA SER A 56 8.94 9.50 -8.12
C SER A 56 10.24 9.16 -7.41
N ALA A 57 10.88 10.15 -6.81
CA ALA A 57 12.15 9.90 -6.13
C ALA A 57 12.44 11.02 -5.14
N ASN A 58 13.00 10.65 -4.00
CA ASN A 58 13.50 11.60 -3.01
C ASN A 58 14.94 11.21 -2.68
N TYR A 59 15.84 12.18 -2.73
CA TYR A 59 17.27 11.94 -2.58
C TYR A 59 17.78 12.57 -1.30
N ASN A 60 18.78 11.92 -0.70
CA ASN A 60 19.44 12.48 0.47
C ASN A 60 20.09 13.83 0.09
N PRO A 61 19.95 14.86 0.92
CA PRO A 61 20.51 16.16 0.54
C PRO A 61 22.01 16.14 0.31
N SER A 62 22.74 15.32 1.06
CA SER A 62 24.20 15.28 0.89
C SER A 62 24.57 14.80 -0.50
N LEU A 63 23.88 13.78 -1.01
CA LEU A 63 24.15 13.20 -2.33
C LEU A 63 23.03 13.51 -3.32
N MET A 64 22.42 14.70 -3.20
CA MET A 64 21.28 15.04 -4.05
C MET A 64 21.69 15.04 -5.52
N SER A 65 22.61 15.93 -5.90
CA SER A 65 22.95 16.09 -7.31
C SER A 65 23.54 14.81 -7.90
N ARG A 66 24.43 14.16 -7.15
CA ARG A 66 25.16 13.02 -7.72
C ARG A 66 24.24 11.86 -8.04
N VAL A 67 23.30 11.55 -7.16
CA VAL A 67 22.54 10.31 -7.26
C VAL A 67 21.36 10.50 -8.23
N THR A 68 20.91 9.39 -8.80
CA THR A 68 19.76 9.39 -9.69
C THR A 68 19.06 8.05 -9.60
N MET A 69 17.78 8.07 -9.25
CA MET A 69 16.96 6.87 -9.15
C MET A 69 15.97 6.81 -10.32
N SER A 70 15.62 5.59 -10.70
CA SER A 70 14.66 5.42 -11.78
C SER A 70 13.99 4.05 -11.62
N ARG A 71 12.84 3.91 -12.27
CA ARG A 71 12.06 2.68 -12.23
C ARG A 71 11.89 2.12 -13.65
N ASP A 72 11.38 0.90 -13.71
CA ASP A 72 11.02 0.27 -14.99
C ASP A 72 9.87 -0.68 -14.70
N THR A 73 8.64 -0.24 -15.00
CA THR A 73 7.46 -1.05 -14.69
C THR A 73 7.30 -2.20 -15.66
N SER A 74 7.77 -2.04 -16.90
CA SER A 74 7.60 -3.11 -17.89
C SER A 74 8.31 -4.39 -17.45
N LYS A 75 9.52 -4.26 -16.92
CA LYS A 75 10.28 -5.41 -16.44
C LYS A 75 10.35 -5.47 -14.91
N ASN A 76 9.76 -4.50 -14.21
CA ASN A 76 9.75 -4.47 -12.76
C ASN A 76 11.17 -4.45 -12.19
N GLN A 77 11.87 -3.34 -12.47
CA GLN A 77 13.24 -3.15 -12.00
C GLN A 77 13.41 -1.73 -11.49
N ILE A 78 14.48 -1.52 -10.73
CA ILE A 78 14.83 -0.20 -10.21
C ILE A 78 16.32 0.02 -10.48
N SER A 79 16.67 1.22 -10.94
CA SER A 79 18.03 1.56 -11.31
C SER A 79 18.52 2.71 -10.46
N LEU A 80 19.74 2.55 -9.95
CA LEU A 80 20.43 3.57 -9.17
C LEU A 80 21.72 3.95 -9.88
N LYS A 81 21.97 5.24 -10.02
CA LYS A 81 23.14 5.74 -10.73
C LYS A 81 23.85 6.80 -9.90
N LEU A 82 25.18 6.70 -9.85
CA LEU A 82 26.03 7.69 -9.21
C LEU A 82 26.95 8.29 -10.25
N THR A 83 26.93 9.62 -10.35
CA THR A 83 27.66 10.29 -11.43
C THR A 83 29.17 10.25 -11.20
N SER A 84 29.61 10.52 -9.98
CA SER A 84 31.04 10.64 -9.67
C SER A 84 31.39 9.61 -8.60
N VAL A 85 32.22 8.64 -8.98
CA VAL A 85 32.72 7.63 -8.06
C VAL A 85 34.13 8.00 -7.65
N THR A 86 34.56 7.49 -6.50
CA THR A 86 35.89 7.76 -5.98
C THR A 86 36.27 6.59 -5.07
N ALA A 87 37.33 6.78 -4.29
CA ALA A 87 37.76 5.78 -3.31
C ALA A 87 37.09 5.98 -1.95
N ALA A 88 36.32 7.04 -1.78
CA ALA A 88 35.62 7.32 -0.53
C ALA A 88 34.20 6.80 -0.52
N ASP A 89 33.76 6.11 -1.59
CA ASP A 89 32.41 5.59 -1.67
C ASP A 89 32.36 4.06 -1.67
N THR A 90 33.50 3.40 -1.49
CA THR A 90 33.48 1.95 -1.37
C THR A 90 32.54 1.54 -0.25
N ALA A 91 31.64 0.61 -0.53
CA ALA A 91 30.58 0.27 0.40
C ALA A 91 29.85 -0.95 -0.13
N VAL A 92 28.77 -1.32 0.55
CA VAL A 92 27.85 -2.37 0.13
C VAL A 92 26.45 -1.78 0.09
N TYR A 93 25.73 -2.08 -0.99
CA TYR A 93 24.41 -1.50 -1.25
C TYR A 93 23.33 -2.56 -1.12
N TYR A 94 22.24 -2.17 -0.47
CA TYR A 94 21.08 -3.03 -0.25
C TYR A 94 19.84 -2.39 -0.86
N CYS A 95 18.93 -3.24 -1.31
CA CYS A 95 17.64 -2.85 -1.87
C CYS A 95 16.57 -3.18 -0.84
N ALA A 96 15.85 -2.17 -0.36
CA ALA A 96 14.90 -2.34 0.73
C ALA A 96 13.50 -1.92 0.28
N ARG A 97 12.49 -2.51 0.92
CA ARG A 97 11.10 -2.30 0.57
C ARG A 97 10.32 -1.81 1.78
N ASP A 98 9.33 -0.95 1.53
CA ASP A 98 8.42 -0.46 2.56
C ASP A 98 6.99 -0.63 2.06
N SER A 99 6.14 -1.23 2.91
CA SER A 99 4.75 -1.46 2.59
C SER A 99 3.89 -0.32 3.12
N PRO A 100 3.08 0.33 2.29
CA PRO A 100 2.25 1.45 2.79
C PRO A 100 0.98 0.93 3.45
N LEU A 101 0.81 1.25 4.72
CA LEU A 101 -0.40 0.94 5.46
C LEU A 101 -1.26 2.20 5.55
N GLY A 102 -2.33 2.13 6.34
CA GLY A 102 -3.18 3.29 6.52
C GLY A 102 -2.64 4.24 7.56
N SER A 103 -2.04 5.33 7.10
CA SER A 103 -1.47 6.41 7.92
C SER A 103 -0.11 6.06 8.50
N ILE A 104 0.42 4.86 8.25
CA ILE A 104 1.76 4.49 8.72
C ILE A 104 2.47 3.71 7.63
N ILE A 105 3.79 3.75 7.65
CA ILE A 105 4.63 3.05 6.69
C ILE A 105 5.56 2.12 7.47
N LYS A 106 5.53 0.84 7.14
CA LYS A 106 6.42 -0.14 7.77
C LYS A 106 7.76 -0.10 7.04
N ARG A 107 8.56 0.90 7.38
CA ARG A 107 9.81 1.13 6.68
C ARG A 107 10.72 -0.09 6.75
N GLY A 108 11.33 -0.42 5.60
CA GLY A 108 12.32 -1.47 5.53
C GLY A 108 11.92 -2.78 6.17
N ASP A 109 10.91 -3.44 5.63
CA ASP A 109 10.48 -4.74 6.13
C ASP A 109 11.05 -5.90 5.32
N TYR A 110 11.89 -5.63 4.33
CA TYR A 110 12.48 -6.69 3.53
C TYR A 110 13.72 -6.14 2.83
N TRP A 111 14.84 -6.84 2.97
CA TRP A 111 16.13 -6.39 2.46
C TRP A 111 16.71 -7.43 1.51
N GLY A 112 17.32 -6.94 0.43
CA GLY A 112 18.02 -7.81 -0.50
C GLY A 112 19.40 -8.17 -0.01
N GLN A 113 20.06 -9.05 -0.77
CA GLN A 113 21.41 -9.46 -0.41
C GLN A 113 22.41 -8.34 -0.61
N GLY A 114 22.21 -7.50 -1.62
CA GLY A 114 23.08 -6.37 -1.87
C GLY A 114 24.36 -6.77 -2.59
N THR A 115 25.16 -5.76 -2.90
CA THR A 115 26.41 -5.98 -3.61
C THR A 115 27.41 -4.91 -3.20
N LEU A 116 28.70 -5.25 -3.29
CA LEU A 116 29.77 -4.38 -2.82
C LEU A 116 30.47 -3.73 -4.00
N VAL A 117 30.82 -2.46 -3.84
CA VAL A 117 31.54 -1.70 -4.85
C VAL A 117 32.67 -0.95 -4.18
N THR A 118 33.69 -0.61 -4.99
CA THR A 118 34.86 0.10 -4.50
C THR A 118 35.01 1.45 -5.18
N VAL B 15 24.26 -10.58 29.26
CA VAL B 15 24.53 -11.94 28.84
C VAL B 15 23.84 -12.92 29.77
N GLY B 16 23.17 -13.92 29.19
CA GLY B 16 22.54 -14.97 29.97
C GLY B 16 21.06 -14.79 30.19
N ASP B 17 20.67 -13.74 30.91
CA ASP B 17 19.27 -13.55 31.32
C ASP B 17 18.64 -12.31 30.72
N ARG B 18 19.27 -11.14 30.84
CA ARG B 18 18.64 -9.89 30.45
C ARG B 18 19.66 -8.92 29.89
N VAL B 19 19.19 -8.05 29.00
CA VAL B 19 19.97 -6.93 28.48
C VAL B 19 19.00 -5.82 28.10
N THR B 20 19.48 -4.58 28.18
CA THR B 20 18.65 -3.41 27.87
C THR B 20 19.51 -2.34 27.24
N VAL B 21 18.99 -1.67 26.21
CA VAL B 21 19.72 -0.64 25.50
C VAL B 21 18.83 0.58 25.37
N THR B 22 19.47 1.74 25.14
CA THR B 22 18.78 3.01 25.03
C THR B 22 19.24 3.75 23.79
N CYS B 23 18.32 4.54 23.21
CA CYS B 23 18.62 5.40 22.08
C CYS B 23 18.02 6.78 22.33
N GLN B 24 18.78 7.81 21.96
CA GLN B 24 18.44 9.19 22.30
C GLN B 24 18.59 10.08 21.08
N ALA B 25 17.87 11.20 21.07
CA ALA B 25 17.91 12.17 19.97
C ALA B 25 18.31 13.52 20.54
N SER B 26 19.14 14.25 19.80
CA SER B 26 19.66 15.52 20.31
C SER B 26 18.67 16.66 20.10
N GLN B 27 18.38 16.99 18.84
CA GLN B 27 17.50 18.11 18.50
C GLN B 27 16.18 17.56 17.99
N GLY B 28 15.09 18.11 18.49
CA GLY B 28 13.77 17.67 18.07
C GLY B 28 13.37 16.36 18.71
N ILE B 29 12.07 16.19 18.94
CA ILE B 29 11.54 14.95 19.50
C ILE B 29 10.72 14.26 18.43
N THR B 30 10.50 12.96 18.57
CA THR B 30 9.75 12.19 17.59
C THR B 30 9.14 10.97 18.27
N ASN B 31 8.19 10.35 17.58
CA ASN B 31 7.59 9.10 18.01
C ASN B 31 7.94 7.94 17.08
N TYR B 32 8.68 8.19 16.01
CA TYR B 32 8.99 7.18 15.00
C TYR B 32 10.44 6.73 15.19
N VAL B 33 10.61 5.43 15.48
CA VAL B 33 11.94 4.83 15.52
C VAL B 33 11.76 3.36 15.14
N ASN B 34 12.86 2.74 14.71
CA ASN B 34 12.87 1.33 14.34
C ASN B 34 14.08 0.66 14.95
N TRP B 35 13.93 -0.64 15.22
CA TRP B 35 14.99 -1.45 15.77
C TRP B 35 15.22 -2.65 14.86
N TYR B 36 16.44 -2.74 14.33
CA TYR B 36 16.84 -3.78 13.39
C TYR B 36 17.90 -4.66 14.04
N GLN B 37 18.05 -5.86 13.49
CA GLN B 37 19.01 -6.85 13.96
C GLN B 37 19.93 -7.24 12.81
N GLN B 38 21.16 -7.61 13.15
CA GLN B 38 22.16 -7.99 12.16
C GLN B 38 22.93 -9.20 12.66
N LYS B 39 23.52 -9.93 11.73
CA LYS B 39 24.29 -11.12 12.06
C LYS B 39 25.58 -11.12 11.23
N PRO B 40 26.47 -12.11 11.37
CA PRO B 40 27.77 -12.01 10.72
C PRO B 40 27.71 -12.22 9.21
N GLY B 41 27.41 -11.15 8.48
CA GLY B 41 27.44 -11.20 7.04
C GLY B 41 26.10 -11.36 6.37
N LYS B 42 25.02 -11.38 7.14
CA LYS B 42 23.67 -11.49 6.60
C LYS B 42 23.02 -10.11 6.59
N ALA B 43 22.06 -9.91 5.69
CA ALA B 43 21.38 -8.63 5.55
C ALA B 43 20.60 -8.34 6.83
N PRO B 44 20.45 -7.06 7.18
CA PRO B 44 19.74 -6.72 8.41
C PRO B 44 18.27 -7.07 8.34
N LYS B 45 17.70 -7.34 9.51
CA LYS B 45 16.28 -7.62 9.66
C LYS B 45 15.66 -6.56 10.56
N LEU B 46 14.39 -6.26 10.32
CA LEU B 46 13.63 -5.33 11.13
C LEU B 46 12.91 -6.10 12.22
N LEU B 47 13.20 -5.76 13.47
CA LEU B 47 12.57 -6.41 14.62
C LEU B 47 11.40 -5.63 15.18
N ILE B 48 11.54 -4.32 15.36
CA ILE B 48 10.49 -3.49 15.93
C ILE B 48 10.32 -2.24 15.07
N TYR B 49 9.07 -1.87 14.82
CA TYR B 49 8.74 -0.67 14.05
C TYR B 49 7.74 0.17 14.84
N HIS B 50 7.88 1.49 14.75
CA HIS B 50 6.97 2.43 15.39
C HIS B 50 6.83 2.12 16.89
N ALA B 51 7.93 2.27 17.62
CA ALA B 51 7.93 2.14 19.08
C ALA B 51 7.55 0.71 19.43
N SER B 52 6.51 0.48 20.23
CA SER B 52 6.23 -0.86 20.74
C SER B 52 5.64 -1.79 19.68
N HIS B 53 5.05 -1.24 18.62
CA HIS B 53 4.43 -2.09 17.61
C HIS B 53 5.43 -3.08 17.07
N LEU B 54 5.04 -4.35 17.03
CA LEU B 54 5.96 -5.45 16.73
C LEU B 54 5.65 -6.09 15.39
N GLU B 55 6.70 -6.33 14.61
CA GLU B 55 6.59 -7.11 13.39
C GLU B 55 6.15 -8.53 13.74
N THR B 56 5.44 -9.17 12.80
CA THR B 56 4.90 -10.50 13.02
C THR B 56 5.95 -11.57 12.72
N GLY B 57 7.13 -11.38 13.31
CA GLY B 57 8.21 -12.34 13.20
C GLY B 57 9.05 -12.38 14.46
N VAL B 58 8.46 -12.07 15.60
CA VAL B 58 9.21 -11.80 16.83
C VAL B 58 8.79 -12.74 17.94
N PRO B 59 9.34 -13.95 18.01
CA PRO B 59 8.96 -14.87 19.09
C PRO B 59 9.39 -14.42 20.48
N SER B 60 10.70 -14.19 20.69
CA SER B 60 11.25 -14.13 22.04
C SER B 60 11.15 -12.74 22.65
N ARG B 61 9.95 -12.15 22.64
CA ARG B 61 9.63 -11.00 23.47
C ARG B 61 10.60 -9.83 23.25
N PHE B 62 11.13 -9.72 22.03
CA PHE B 62 11.87 -8.51 21.69
C PHE B 62 10.92 -7.32 21.72
N SER B 63 11.11 -6.43 22.68
CA SER B 63 10.15 -5.35 22.87
C SER B 63 10.85 -4.14 23.47
N GLY B 64 10.22 -2.99 23.28
CA GLY B 64 10.68 -1.74 23.87
C GLY B 64 9.67 -0.64 23.64
N SER B 65 9.32 0.09 24.69
CA SER B 65 8.27 1.09 24.59
C SER B 65 8.72 2.35 25.33
N GLY B 66 8.65 3.48 24.63
CA GLY B 66 8.98 4.75 25.23
C GLY B 66 9.05 5.89 24.23
N SER B 67 8.48 7.03 24.58
CA SER B 67 8.62 8.24 23.79
C SER B 67 9.32 9.32 24.62
N GLY B 68 9.73 10.39 23.93
CA GLY B 68 10.39 11.50 24.59
C GLY B 68 11.89 11.47 24.58
N THR B 69 12.52 11.03 23.49
CA THR B 69 13.96 11.16 23.33
C THR B 69 14.73 10.15 24.17
N ASP B 70 14.03 9.16 24.73
CA ASP B 70 14.63 8.15 25.60
C ASP B 70 14.12 6.77 25.20
N PHE B 71 14.18 6.46 23.91
CA PHE B 71 13.65 5.19 23.45
C PHE B 71 14.48 4.05 24.03
N THR B 72 13.81 2.92 24.25
CA THR B 72 14.44 1.81 24.94
C THR B 72 14.17 0.52 24.17
N PHE B 73 15.10 -0.43 24.33
CA PHE B 73 14.97 -1.76 23.75
C PHE B 73 15.28 -2.78 24.85
N THR B 74 14.35 -3.71 25.06
CA THR B 74 14.44 -4.66 26.15
C THR B 74 14.15 -6.07 25.64
N ILE B 75 14.86 -7.05 26.18
CA ILE B 75 14.66 -8.45 25.83
C ILE B 75 14.47 -9.24 27.12
N SER B 76 13.46 -10.11 27.13
CA SER B 76 13.15 -10.87 28.33
C SER B 76 14.21 -11.94 28.60
N SER B 77 14.64 -12.66 27.57
CA SER B 77 15.61 -13.73 27.73
C SER B 77 16.50 -13.81 26.50
N LEU B 78 17.70 -14.34 26.68
CA LEU B 78 18.68 -14.49 25.61
C LEU B 78 18.63 -15.92 25.11
N GLN B 79 17.99 -16.13 23.96
CA GLN B 79 18.00 -17.42 23.31
C GLN B 79 19.35 -17.69 22.66
N PRO B 80 19.64 -18.95 22.33
CA PRO B 80 20.98 -19.27 21.77
C PRO B 80 21.32 -18.52 20.50
N GLU B 81 20.35 -17.91 19.83
CA GLU B 81 20.57 -17.21 18.58
C GLU B 81 20.34 -15.71 18.72
N ASP B 82 20.80 -15.13 19.84
CA ASP B 82 20.73 -13.70 20.09
C ASP B 82 22.16 -13.18 20.26
N PHE B 83 22.79 -12.85 19.13
CA PHE B 83 24.12 -12.23 19.13
C PHE B 83 24.19 -11.38 17.87
N ALA B 84 23.96 -10.08 18.02
CA ALA B 84 23.73 -9.20 16.88
C ALA B 84 24.39 -7.85 17.16
N THR B 85 24.05 -6.86 16.34
CA THR B 85 24.54 -5.49 16.44
C THR B 85 23.37 -4.52 16.31
N TYR B 86 22.33 -4.76 17.11
CA TYR B 86 21.04 -4.09 16.97
C TYR B 86 21.21 -2.60 16.70
N TYR B 87 20.38 -2.08 15.78
CA TYR B 87 20.48 -0.70 15.31
C TYR B 87 19.17 0.03 15.50
N CYS B 88 19.26 1.33 15.80
CA CYS B 88 18.11 2.22 15.86
C CYS B 88 17.87 2.81 14.47
N GLN B 89 16.92 3.74 14.37
CA GLN B 89 16.63 4.45 13.13
C GLN B 89 15.55 5.48 13.41
N GLN B 90 15.39 6.41 12.48
CA GLN B 90 14.36 7.44 12.55
C GLN B 90 13.60 7.46 11.24
N PHE B 91 12.36 7.97 11.29
CA PHE B 91 11.56 8.20 10.10
C PHE B 91 11.52 9.67 9.72
N ASP B 92 11.11 10.54 10.64
CA ASP B 92 10.93 11.95 10.36
C ASP B 92 12.27 12.67 10.42
N HIS B 93 12.25 13.98 10.18
CA HIS B 93 13.45 14.80 10.20
C HIS B 93 14.46 14.31 9.14
N LEU B 94 14.03 14.44 7.90
CA LEU B 94 14.82 13.95 6.78
C LEU B 94 16.22 14.57 6.82
N PRO B 95 17.27 13.81 6.50
CA PRO B 95 17.29 12.39 6.12
C PRO B 95 17.29 11.46 7.34
N PRO B 96 16.79 10.24 7.21
CA PRO B 96 16.91 9.28 8.32
C PRO B 96 18.37 9.03 8.67
N THR B 97 18.63 8.86 9.96
CA THR B 97 19.99 8.64 10.45
C THR B 97 19.98 7.45 11.39
N PHE B 98 20.97 6.57 11.25
CA PHE B 98 21.06 5.37 12.05
C PHE B 98 21.92 5.65 13.29
N GLY B 99 22.30 4.60 14.00
CA GLY B 99 23.17 4.74 15.16
C GLY B 99 24.00 3.50 15.42
N CYS C 4 -38.12 -1.22 -15.28
CA CYS C 4 -37.39 -0.07 -14.75
C CYS C 4 -36.02 0.02 -15.43
N PRO C 5 -35.44 1.23 -15.51
CA PRO C 5 -34.20 1.39 -16.27
C PRO C 5 -32.97 0.77 -15.61
N PHE C 6 -33.06 -0.50 -15.21
CA PHE C 6 -31.86 -1.22 -14.81
C PHE C 6 -30.98 -1.54 -16.00
N HIS C 7 -31.52 -1.46 -17.22
CA HIS C 7 -30.72 -1.76 -18.40
C HIS C 7 -29.57 -0.78 -18.56
N GLU C 8 -29.82 0.50 -18.33
CA GLU C 8 -28.78 1.51 -18.52
C GLU C 8 -27.70 1.40 -17.45
N VAL C 9 -28.11 1.17 -16.19
CA VAL C 9 -27.13 1.08 -15.12
C VAL C 9 -26.17 -0.07 -15.35
N PHE C 10 -26.69 -1.18 -15.88
CA PHE C 10 -25.87 -2.35 -16.16
C PHE C 10 -25.19 -2.31 -17.52
N ASN C 11 -25.51 -1.33 -18.36
CA ASN C 11 -24.92 -1.21 -19.69
C ASN C 11 -24.21 0.13 -19.89
N ALA C 12 -23.91 0.84 -18.81
CA ALA C 12 -23.16 2.08 -18.93
C ALA C 12 -21.80 1.80 -19.56
N THR C 13 -21.42 2.63 -20.53
CA THR C 13 -20.15 2.40 -21.23
C THR C 13 -18.96 2.53 -20.28
N THR C 14 -19.00 3.51 -19.39
CA THR C 14 -17.90 3.77 -18.46
C THR C 14 -18.42 3.68 -17.03
N PHE C 15 -17.55 3.18 -16.14
CA PHE C 15 -17.86 3.05 -14.73
C PHE C 15 -16.94 3.96 -13.92
N ALA C 16 -17.48 4.50 -12.83
CA ALA C 16 -16.73 5.45 -12.02
C ALA C 16 -15.63 4.75 -11.23
N SER C 17 -14.68 5.54 -10.74
CA SER C 17 -13.58 5.01 -9.97
C SER C 17 -14.06 4.50 -8.62
N VAL C 18 -13.22 3.69 -7.98
CA VAL C 18 -13.59 3.10 -6.70
C VAL C 18 -13.78 4.19 -5.66
N TYR C 19 -12.86 5.16 -5.59
CA TYR C 19 -12.95 6.20 -4.58
C TYR C 19 -14.12 7.13 -4.79
N ALA C 20 -14.73 7.12 -5.97
CA ALA C 20 -15.99 7.84 -6.24
C ALA C 20 -16.94 6.84 -6.88
N TRP C 21 -17.61 6.06 -6.03
CA TRP C 21 -18.56 5.07 -6.52
C TRP C 21 -19.81 5.76 -7.04
N ASN C 22 -20.31 5.29 -8.19
CA ASN C 22 -21.43 5.94 -8.86
C ASN C 22 -22.74 5.42 -8.27
N ARG C 23 -23.53 6.32 -7.71
CA ARG C 23 -24.78 5.97 -7.04
C ARG C 23 -25.97 6.49 -7.83
N LYS C 24 -27.00 5.65 -7.93
CA LYS C 24 -28.26 6.01 -8.57
C LYS C 24 -29.42 5.56 -7.70
N ARG C 25 -30.49 6.33 -7.73
CA ARG C 25 -31.69 6.06 -6.94
C ARG C 25 -32.80 5.57 -7.85
N ILE C 26 -33.57 4.59 -7.39
CA ILE C 26 -34.69 4.04 -8.13
C ILE C 26 -35.90 3.99 -7.21
N SER C 27 -37.02 4.55 -7.66
CA SER C 27 -38.24 4.58 -6.89
C SER C 27 -39.42 4.80 -7.84
N ASN C 28 -40.61 4.48 -7.36
CA ASN C 28 -41.84 4.63 -8.14
C ASN C 28 -41.70 3.96 -9.50
N CYS C 29 -41.54 2.64 -9.48
CA CYS C 29 -41.23 1.88 -10.66
C CYS C 29 -41.86 0.50 -10.57
N VAL C 30 -41.64 -0.31 -11.60
CA VAL C 30 -42.00 -1.73 -11.61
C VAL C 30 -40.70 -2.51 -11.73
N ALA C 31 -40.48 -3.43 -10.78
CA ALA C 31 -39.21 -4.12 -10.66
C ALA C 31 -39.30 -5.50 -11.32
N ASP C 32 -38.44 -5.74 -12.30
CA ASP C 32 -38.31 -7.04 -12.96
C ASP C 32 -36.82 -7.35 -13.01
N TYR C 33 -36.31 -7.94 -11.92
CA TYR C 33 -34.88 -8.15 -11.80
C TYR C 33 -34.36 -9.24 -12.75
N SER C 34 -35.24 -10.12 -13.23
CA SER C 34 -34.79 -11.23 -14.05
C SER C 34 -33.98 -10.76 -15.25
N VAL C 35 -34.29 -9.57 -15.76
CA VAL C 35 -33.59 -9.07 -16.94
C VAL C 35 -32.09 -8.97 -16.71
N ILE C 36 -31.67 -8.68 -15.47
CA ILE C 36 -30.25 -8.54 -15.21
C ILE C 36 -29.50 -9.83 -15.51
N TYR C 37 -30.20 -10.96 -15.53
CA TYR C 37 -29.55 -12.24 -15.85
C TYR C 37 -29.22 -12.37 -17.33
N ASN C 38 -29.39 -11.32 -18.13
CA ASN C 38 -29.02 -11.41 -19.54
C ASN C 38 -27.54 -11.67 -19.71
N PHE C 39 -26.71 -11.01 -18.89
CA PHE C 39 -25.27 -11.22 -18.95
C PHE C 39 -24.94 -12.67 -18.56
N ALA C 40 -24.43 -13.44 -19.52
CA ALA C 40 -24.13 -14.84 -19.24
C ALA C 40 -23.14 -15.01 -18.10
N PRO C 41 -22.01 -14.31 -18.07
CA PRO C 41 -21.03 -14.55 -17.00
C PRO C 41 -21.38 -13.79 -15.73
N PHE C 42 -21.04 -14.42 -14.61
CA PHE C 42 -21.17 -13.77 -13.30
C PHE C 42 -20.14 -14.42 -12.38
N PHE C 43 -19.00 -13.74 -12.19
CA PHE C 43 -17.97 -14.27 -11.31
C PHE C 43 -18.47 -14.42 -9.89
N ALA C 44 -19.20 -13.43 -9.38
CA ALA C 44 -19.75 -13.48 -8.04
C ALA C 44 -21.15 -12.89 -8.04
N PHE C 45 -22.06 -13.57 -7.37
CA PHE C 45 -23.46 -13.12 -7.27
C PHE C 45 -23.98 -13.56 -5.91
N LYS C 46 -24.16 -12.61 -5.00
CA LYS C 46 -24.58 -12.93 -3.64
C LYS C 46 -25.65 -11.95 -3.20
N CYS C 47 -26.43 -12.37 -2.20
CA CYS C 47 -27.46 -11.52 -1.63
C CYS C 47 -27.55 -11.78 -0.14
N TYR C 48 -27.69 -10.70 0.63
CA TYR C 48 -27.80 -10.77 2.08
C TYR C 48 -29.18 -10.29 2.49
N GLY C 49 -29.91 -11.13 3.22
CA GLY C 49 -31.19 -10.76 3.79
C GLY C 49 -32.39 -11.11 2.92
N VAL C 50 -32.21 -11.34 1.63
CA VAL C 50 -33.30 -11.65 0.73
C VAL C 50 -32.87 -12.78 -0.20
N SER C 51 -33.76 -13.74 -0.40
CA SER C 51 -33.47 -14.85 -1.31
C SER C 51 -33.44 -14.33 -2.74
N PRO C 52 -32.39 -14.62 -3.51
CA PRO C 52 -32.35 -14.13 -4.90
C PRO C 52 -33.52 -14.58 -5.74
N THR C 53 -34.08 -15.76 -5.46
CA THR C 53 -35.16 -16.28 -6.29
C THR C 53 -36.48 -15.56 -6.05
N LYS C 54 -36.68 -14.97 -4.88
CA LYS C 54 -37.92 -14.29 -4.53
C LYS C 54 -37.73 -12.77 -4.47
N LEU C 55 -36.93 -12.23 -5.38
CA LEU C 55 -36.66 -10.79 -5.37
C LEU C 55 -37.85 -10.00 -5.90
N ASN C 56 -38.55 -10.52 -6.90
CA ASN C 56 -39.62 -9.78 -7.56
C ASN C 56 -40.96 -9.89 -6.84
N ASP C 57 -41.04 -10.68 -5.77
CA ASP C 57 -42.28 -10.86 -5.02
C ASP C 57 -42.34 -9.99 -3.78
N LEU C 58 -41.41 -9.05 -3.61
CA LEU C 58 -41.36 -8.19 -2.44
C LEU C 58 -41.58 -6.74 -2.86
N CYS C 59 -41.94 -5.91 -1.88
CA CYS C 59 -42.19 -4.49 -2.10
C CYS C 59 -41.33 -3.68 -1.16
N PHE C 60 -40.63 -2.67 -1.70
CA PHE C 60 -39.75 -1.83 -0.92
C PHE C 60 -40.03 -0.37 -1.28
N THR C 61 -39.72 0.53 -0.34
CA THR C 61 -39.93 1.95 -0.58
C THR C 61 -39.07 2.45 -1.74
N ASN C 62 -37.81 2.03 -1.80
CA ASN C 62 -36.93 2.46 -2.89
C ASN C 62 -35.67 1.62 -2.85
N VAL C 63 -34.82 1.80 -3.86
CA VAL C 63 -33.55 1.08 -3.92
C VAL C 63 -32.47 2.00 -4.44
N TYR C 64 -31.22 1.64 -4.13
CA TYR C 64 -30.04 2.38 -4.56
C TYR C 64 -29.06 1.42 -5.21
N ALA C 65 -28.55 1.80 -6.37
CA ALA C 65 -27.55 1.02 -7.08
C ALA C 65 -26.22 1.77 -7.04
N ASP C 66 -25.19 1.13 -6.48
CA ASP C 66 -23.85 1.71 -6.42
C ASP C 66 -22.92 0.83 -7.23
N SER C 67 -22.27 1.43 -8.23
CA SER C 67 -21.46 0.68 -9.18
C SER C 67 -20.06 1.28 -9.26
N PHE C 68 -19.10 0.41 -9.57
CA PHE C 68 -17.70 0.81 -9.74
C PHE C 68 -16.95 -0.37 -10.36
N VAL C 69 -15.63 -0.24 -10.47
CA VAL C 69 -14.76 -1.28 -11.01
C VAL C 69 -13.57 -1.46 -10.07
N ILE C 70 -13.25 -2.71 -9.75
CA ILE C 70 -12.21 -3.06 -8.79
C ILE C 70 -11.36 -4.17 -9.38
N ARG C 71 -10.42 -4.67 -8.58
CA ARG C 71 -9.60 -5.81 -8.96
C ARG C 71 -10.23 -7.10 -8.41
N GLY C 72 -9.93 -8.21 -9.09
CA GLY C 72 -10.58 -9.46 -8.74
C GLY C 72 -10.31 -9.89 -7.32
N ASN C 73 -9.03 -9.88 -6.93
CA ASN C 73 -8.67 -10.34 -5.59
C ASN C 73 -9.21 -9.45 -4.48
N GLU C 74 -9.69 -8.25 -4.82
CA GLU C 74 -10.32 -7.37 -3.85
C GLU C 74 -11.84 -7.51 -3.81
N VAL C 75 -12.42 -8.29 -4.73
CA VAL C 75 -13.88 -8.39 -4.78
C VAL C 75 -14.42 -8.96 -3.49
N SER C 76 -13.63 -9.77 -2.78
CA SER C 76 -14.08 -10.36 -1.52
C SER C 76 -14.25 -9.33 -0.42
N GLN C 77 -13.78 -8.10 -0.61
CA GLN C 77 -13.89 -7.06 0.40
C GLN C 77 -15.16 -6.24 0.28
N ILE C 78 -16.21 -6.80 -0.31
CA ILE C 78 -17.47 -6.09 -0.49
C ILE C 78 -18.56 -6.78 0.31
N ALA C 79 -18.20 -7.37 1.44
CA ALA C 79 -19.13 -8.02 2.33
C ALA C 79 -19.18 -7.29 3.67
N PRO C 80 -20.30 -7.38 4.39
CA PRO C 80 -20.37 -6.69 5.69
C PRO C 80 -19.35 -7.23 6.67
N GLY C 81 -18.86 -6.34 7.53
CA GLY C 81 -17.91 -6.74 8.55
C GLY C 81 -16.60 -7.25 7.98
N GLN C 82 -16.05 -6.54 7.00
CA GLN C 82 -14.80 -6.90 6.36
C GLN C 82 -13.77 -5.80 6.60
N THR C 83 -12.53 -6.06 6.16
CA THR C 83 -11.45 -5.10 6.33
C THR C 83 -10.45 -5.27 5.19
N GLY C 84 -9.68 -4.21 4.96
CA GLY C 84 -8.68 -4.23 3.91
C GLY C 84 -8.36 -2.82 3.46
N ASN C 85 -7.88 -2.72 2.22
CA ASN C 85 -7.58 -1.43 1.61
C ASN C 85 -8.75 -0.88 0.80
N ILE C 86 -9.86 -1.61 0.72
CA ILE C 86 -11.07 -1.15 0.03
C ILE C 86 -12.23 -0.98 1.00
N ALA C 87 -12.50 -2.01 1.81
CA ALA C 87 -13.62 -1.96 2.74
C ALA C 87 -13.40 -0.95 3.85
N ASP C 88 -12.18 -0.46 4.04
CA ASP C 88 -11.88 0.44 5.15
C ASP C 88 -11.68 1.89 4.71
N TYR C 89 -11.51 2.15 3.40
CA TYR C 89 -11.22 3.50 2.95
C TYR C 89 -11.97 3.91 1.69
N ASN C 90 -12.78 3.03 1.10
CA ASN C 90 -13.45 3.38 -0.16
C ASN C 90 -14.93 3.02 -0.15
N TYR C 91 -15.31 1.96 0.56
CA TYR C 91 -16.71 1.52 0.56
C TYR C 91 -16.93 0.64 1.78
N LYS C 92 -17.81 1.10 2.68
CA LYS C 92 -18.08 0.39 3.93
C LYS C 92 -19.53 -0.07 3.94
N LEU C 93 -19.74 -1.35 4.25
CA LEU C 93 -21.08 -1.92 4.31
C LEU C 93 -21.49 -2.12 5.75
N PRO C 94 -22.58 -1.51 6.22
CA PRO C 94 -23.03 -1.76 7.59
C PRO C 94 -23.47 -3.21 7.77
N ASP C 95 -23.35 -3.69 9.01
CA ASP C 95 -23.68 -5.09 9.28
C ASP C 95 -25.14 -5.39 8.96
N ASP C 96 -26.05 -4.49 9.32
CA ASP C 96 -27.48 -4.67 9.03
C ASP C 96 -27.72 -4.34 7.56
N PHE C 97 -27.22 -5.22 6.70
CA PHE C 97 -27.26 -5.03 5.25
C PHE C 97 -28.32 -5.96 4.66
N THR C 98 -29.18 -5.41 3.82
CA THR C 98 -30.23 -6.17 3.13
C THR C 98 -30.18 -5.76 1.66
N GLY C 99 -29.50 -6.55 0.85
CA GLY C 99 -29.33 -6.20 -0.54
C GLY C 99 -28.66 -7.31 -1.31
N CYS C 100 -28.07 -6.93 -2.45
CA CYS C 100 -27.35 -7.88 -3.29
C CYS C 100 -26.07 -7.25 -3.82
N VAL C 101 -25.10 -8.10 -4.12
CA VAL C 101 -23.82 -7.69 -4.69
C VAL C 101 -23.53 -8.58 -5.88
N ILE C 102 -23.11 -7.96 -6.99
CA ILE C 102 -22.86 -8.65 -8.25
C ILE C 102 -21.52 -8.16 -8.79
N ALA C 103 -20.71 -9.10 -9.29
CA ALA C 103 -19.39 -8.77 -9.81
C ALA C 103 -19.07 -9.70 -10.97
N TRP C 104 -18.62 -9.11 -12.09
CA TRP C 104 -18.25 -9.90 -13.25
C TRP C 104 -17.04 -9.30 -13.93
N ASN C 105 -16.22 -10.15 -14.54
CA ASN C 105 -14.97 -9.71 -15.12
C ASN C 105 -15.21 -8.74 -16.28
N SER C 106 -14.24 -7.85 -16.48
CA SER C 106 -14.29 -6.83 -17.53
C SER C 106 -12.95 -6.73 -18.24
N ASN C 107 -12.32 -7.87 -18.48
CA ASN C 107 -11.00 -7.86 -19.12
C ASN C 107 -11.07 -7.33 -20.54
N LYS C 108 -12.13 -7.68 -21.28
CA LYS C 108 -12.21 -7.31 -22.69
C LYS C 108 -12.25 -5.80 -22.88
N LEU C 109 -13.03 -5.10 -22.06
CA LEU C 109 -13.32 -3.69 -22.30
C LEU C 109 -12.46 -2.75 -21.47
N ASP C 110 -11.87 -3.20 -20.37
CA ASP C 110 -11.16 -2.35 -19.43
C ASP C 110 -9.70 -2.76 -19.30
N SER C 111 -9.03 -2.98 -20.43
CA SER C 111 -7.62 -3.33 -20.42
C SER C 111 -7.04 -3.12 -21.81
N LYS C 112 -5.94 -2.40 -21.89
CA LYS C 112 -5.25 -2.15 -23.15
C LYS C 112 -3.75 -2.40 -22.98
N PRO C 113 -3.05 -2.75 -24.07
CA PRO C 113 -1.62 -3.04 -23.93
C PRO C 113 -0.80 -1.90 -23.36
N SER C 114 -1.15 -0.66 -23.71
CA SER C 114 -0.35 0.48 -23.27
C SER C 114 -0.38 0.61 -21.74
N GLY C 115 -1.54 0.43 -21.13
CA GLY C 115 -1.69 0.61 -19.69
C GLY C 115 -2.71 1.70 -19.42
N ASN C 116 -3.70 1.36 -18.60
CA ASN C 116 -4.82 2.25 -18.30
C ASN C 116 -4.64 2.85 -16.91
N TYR C 117 -4.73 4.17 -16.81
CA TYR C 117 -4.60 4.88 -15.55
C TYR C 117 -5.85 5.71 -15.23
N ASN C 118 -6.98 5.39 -15.86
CA ASN C 118 -8.20 6.15 -15.64
C ASN C 118 -8.88 5.79 -14.32
N TYR C 119 -8.56 4.64 -13.74
CA TYR C 119 -9.17 4.17 -12.50
C TYR C 119 -8.19 4.34 -11.35
N LEU C 120 -8.65 4.98 -10.28
CA LEU C 120 -7.83 5.25 -9.12
C LEU C 120 -8.54 4.73 -7.87
N TYR C 121 -7.76 4.42 -6.84
CA TYR C 121 -8.31 4.03 -5.55
C TYR C 121 -7.48 4.67 -4.45
N ARG C 122 -8.16 5.12 -3.39
CA ARG C 122 -7.48 5.77 -2.29
C ARG C 122 -6.58 4.80 -1.55
N LEU C 123 -5.46 5.30 -1.05
CA LEU C 123 -4.47 4.50 -0.35
C LEU C 123 -4.02 5.07 0.98
N PHE C 124 -4.23 6.36 1.24
CA PHE C 124 -3.87 6.98 2.50
C PHE C 124 -5.07 7.70 3.08
N ARG C 125 -5.25 7.58 4.39
CA ARG C 125 -6.32 8.28 5.08
C ARG C 125 -6.07 8.20 6.58
N LYS C 126 -6.50 9.24 7.29
CA LYS C 126 -6.26 9.29 8.74
C LYS C 126 -7.16 8.32 9.49
N SER C 127 -8.43 8.25 9.13
CA SER C 127 -9.39 7.41 9.83
C SER C 127 -10.25 6.65 8.83
N LYS C 128 -10.74 5.49 9.25
CA LYS C 128 -11.57 4.65 8.40
C LYS C 128 -12.94 5.28 8.20
N LEU C 129 -13.50 5.06 7.01
CA LEU C 129 -14.76 5.68 6.65
C LEU C 129 -15.94 5.05 7.39
N LYS C 130 -16.93 5.89 7.68
CA LYS C 130 -18.17 5.40 8.26
C LYS C 130 -18.96 4.60 7.22
N PRO C 131 -19.82 3.69 7.65
CA PRO C 131 -20.61 2.92 6.68
C PRO C 131 -21.44 3.83 5.79
N PHE C 132 -21.49 3.48 4.51
CA PHE C 132 -22.20 4.28 3.51
C PHE C 132 -21.78 5.74 3.58
N GLU C 133 -20.48 5.97 3.34
CA GLU C 133 -19.92 7.31 3.34
C GLU C 133 -18.94 7.42 2.19
N ARG C 134 -18.71 8.65 1.74
CA ARG C 134 -17.82 8.93 0.62
C ARG C 134 -16.94 10.11 0.96
N ASP C 135 -15.77 10.16 0.31
CA ASP C 135 -14.82 11.25 0.52
C ASP C 135 -14.00 11.40 -0.75
N ILE C 136 -14.23 12.49 -1.48
CA ILE C 136 -13.54 12.77 -2.73
C ILE C 136 -12.92 14.16 -2.58
N SER C 137 -11.68 14.21 -2.10
CA SER C 137 -10.99 15.48 -1.91
C SER C 137 -9.49 15.22 -2.10
N THR C 138 -8.99 15.50 -3.29
CA THR C 138 -7.57 15.37 -3.54
C THR C 138 -6.78 16.34 -2.67
N GLU C 139 -5.74 15.83 -2.03
CA GLU C 139 -4.90 16.64 -1.15
C GLU C 139 -3.66 15.85 -0.80
N ILE C 140 -2.51 16.53 -0.77
CA ILE C 140 -1.25 15.87 -0.49
C ILE C 140 -1.30 15.39 0.96
N TYR C 141 -1.41 14.07 1.14
CA TYR C 141 -1.42 13.50 2.48
C TYR C 141 -0.08 13.76 3.15
N GLN C 142 -0.14 14.20 4.40
CA GLN C 142 1.05 14.57 5.18
C GLN C 142 1.29 13.52 6.26
N ALA C 143 2.54 13.07 6.35
CA ALA C 143 2.98 12.19 7.42
C ALA C 143 4.08 12.89 8.20
N GLY C 144 4.13 12.60 9.50
CA GLY C 144 5.11 13.22 10.37
C GLY C 144 4.67 14.58 10.89
N ASN C 145 5.49 15.13 11.77
CA ASN C 145 5.15 16.38 12.43
C ASN C 145 5.27 17.58 11.51
N LYS C 146 6.18 17.53 10.54
CA LYS C 146 6.43 18.69 9.69
C LYS C 146 5.20 18.97 8.82
N PRO C 147 4.93 20.25 8.52
CA PRO C 147 3.84 20.58 7.60
C PRO C 147 4.30 20.47 6.15
N CYS C 148 3.45 19.87 5.32
CA CYS C 148 3.81 19.67 3.92
C CYS C 148 3.73 20.95 3.09
N ASN C 149 2.86 21.88 3.47
CA ASN C 149 2.69 23.13 2.73
C ASN C 149 2.26 22.88 1.29
N GLY C 150 1.54 21.78 1.06
CA GLY C 150 1.02 21.47 -0.26
C GLY C 150 2.08 21.15 -1.29
N VAL C 151 3.15 20.48 -0.89
CA VAL C 151 4.19 20.05 -1.82
C VAL C 151 4.63 18.64 -1.43
N ALA C 152 4.81 17.78 -2.43
CA ALA C 152 5.25 16.42 -2.17
C ALA C 152 6.72 16.42 -1.74
N GLY C 153 7.13 15.33 -1.10
CA GLY C 153 8.49 15.21 -0.63
C GLY C 153 8.75 13.97 0.21
N SER C 154 9.54 14.14 1.28
CA SER C 154 9.93 12.99 2.10
C SER C 154 8.72 12.34 2.75
N ASN C 155 7.85 13.14 3.37
CA ASN C 155 6.68 12.66 4.08
C ASN C 155 5.44 13.37 3.59
N CYS C 156 5.29 13.46 2.26
CA CYS C 156 4.15 14.08 1.63
C CYS C 156 3.84 13.32 0.36
N TYR C 157 2.65 12.71 0.29
CA TYR C 157 2.35 11.74 -0.75
C TYR C 157 0.99 12.05 -1.38
N SER C 158 0.71 11.36 -2.50
CA SER C 158 -0.56 11.49 -3.19
C SER C 158 -1.49 10.39 -2.74
N PRO C 159 -2.64 10.69 -2.10
CA PRO C 159 -3.46 9.60 -1.55
C PRO C 159 -3.91 8.59 -2.59
N LEU C 160 -4.24 9.02 -3.79
CA LEU C 160 -4.79 8.12 -4.80
C LEU C 160 -3.69 7.32 -5.48
N GLN C 161 -3.98 6.06 -5.77
CA GLN C 161 -3.08 5.18 -6.50
C GLN C 161 -3.79 4.67 -7.75
N SER C 162 -3.05 4.64 -8.86
CA SER C 162 -3.62 4.29 -10.15
C SER C 162 -3.40 2.81 -10.45
N TYR C 163 -4.48 2.12 -10.78
CA TYR C 163 -4.37 0.73 -11.19
C TYR C 163 -3.58 0.62 -12.49
N GLY C 164 -2.77 -0.43 -12.59
CA GLY C 164 -2.07 -0.73 -13.82
C GLY C 164 -2.68 -1.92 -14.52
N PHE C 165 -3.45 -1.68 -15.58
CA PHE C 165 -4.17 -2.73 -16.29
C PHE C 165 -3.47 -3.04 -17.61
N ARG C 166 -3.22 -4.32 -17.86
CA ARG C 166 -2.70 -4.79 -19.12
C ARG C 166 -3.40 -6.10 -19.45
N PRO C 167 -3.68 -6.39 -20.72
CA PRO C 167 -4.41 -7.62 -21.05
C PRO C 167 -3.68 -8.88 -20.66
N THR C 168 -2.36 -8.83 -20.49
CA THR C 168 -1.58 -10.00 -20.15
C THR C 168 -1.53 -10.27 -18.65
N TYR C 169 -2.13 -9.41 -17.83
CA TYR C 169 -2.14 -9.63 -16.39
C TYR C 169 -2.81 -10.96 -16.06
N GLY C 170 -2.58 -11.41 -14.83
CA GLY C 170 -3.20 -12.64 -14.36
C GLY C 170 -4.67 -12.46 -14.04
N VAL C 171 -5.33 -13.58 -13.77
CA VAL C 171 -6.75 -13.54 -13.46
C VAL C 171 -7.02 -12.70 -12.23
N GLY C 172 -6.05 -12.61 -11.32
CA GLY C 172 -6.21 -11.85 -10.09
C GLY C 172 -6.03 -10.36 -10.21
N HIS C 173 -5.72 -9.86 -11.41
CA HIS C 173 -5.53 -8.42 -11.62
C HIS C 173 -6.41 -7.84 -12.71
N GLN C 174 -7.05 -8.66 -13.54
CA GLN C 174 -7.94 -8.14 -14.56
C GLN C 174 -9.15 -7.49 -13.89
N PRO C 175 -9.56 -6.29 -14.32
CA PRO C 175 -10.62 -5.58 -13.60
C PRO C 175 -11.96 -6.28 -13.67
N TYR C 176 -12.73 -6.15 -12.60
CA TYR C 176 -14.08 -6.65 -12.49
C TYR C 176 -15.02 -5.49 -12.23
N ARG C 177 -16.11 -5.44 -12.99
CA ARG C 177 -17.18 -4.49 -12.70
C ARG C 177 -18.05 -5.02 -11.57
N VAL C 178 -18.41 -4.15 -10.64
CA VAL C 178 -19.17 -4.51 -9.46
C VAL C 178 -20.32 -3.54 -9.31
N VAL C 179 -21.49 -4.08 -8.95
CA VAL C 179 -22.68 -3.29 -8.67
C VAL C 179 -23.38 -3.89 -7.45
N VAL C 180 -23.79 -3.03 -6.53
CA VAL C 180 -24.47 -3.45 -5.30
C VAL C 180 -25.79 -2.72 -5.22
N LEU C 181 -26.86 -3.48 -4.97
CA LEU C 181 -28.20 -2.96 -4.83
C LEU C 181 -28.61 -3.01 -3.36
N SER C 182 -29.07 -1.88 -2.84
CA SER C 182 -29.53 -1.77 -1.46
C SER C 182 -31.00 -1.40 -1.45
N PHE C 183 -31.79 -2.13 -0.69
CA PHE C 183 -33.23 -1.93 -0.61
C PHE C 183 -33.59 -1.20 0.68
N GLU C 184 -34.56 -0.29 0.60
CA GLU C 184 -35.01 0.45 1.77
C GLU C 184 -36.54 0.48 1.79
N LEU C 185 -37.09 0.19 2.97
CA LEU C 185 -38.53 0.28 3.22
C LEU C 185 -38.73 1.04 4.52
N LEU C 186 -39.67 1.98 4.52
CA LEU C 186 -39.86 2.87 5.65
C LEU C 186 -41.34 3.22 5.75
N HIS C 187 -41.66 4.26 6.52
CA HIS C 187 -43.05 4.65 6.72
C HIS C 187 -43.73 5.01 5.41
N ALA C 188 -42.95 5.40 4.40
CA ALA C 188 -43.53 5.82 3.15
C ALA C 188 -44.23 4.64 2.47
N PRO C 189 -45.22 4.90 1.62
CA PRO C 189 -45.92 3.80 0.94
C PRO C 189 -44.96 2.96 0.11
N ALA C 190 -45.24 1.65 0.07
CA ALA C 190 -44.42 0.73 -0.70
C ALA C 190 -44.68 0.91 -2.19
N THR C 191 -43.86 1.73 -2.85
CA THR C 191 -44.07 2.04 -4.25
C THR C 191 -43.50 0.95 -5.16
N VAL C 192 -42.20 0.72 -5.09
CA VAL C 192 -41.56 -0.24 -5.97
C VAL C 192 -42.09 -1.64 -5.67
N CYS C 193 -42.47 -2.36 -6.73
CA CYS C 193 -42.98 -3.71 -6.58
C CYS C 193 -43.00 -4.44 -7.92
#